data_5PHA
#
_entry.id   5PHA
#
_cell.length_a   71.183
_cell.length_b   71.183
_cell.length_c   149.739
_cell.angle_alpha   90.000
_cell.angle_beta   90.000
_cell.angle_gamma   90.000
#
_symmetry.space_group_name_H-M   'P 43 21 2'
#
loop_
_entity.id
_entity.type
_entity.pdbx_description
1 polymer 'Lysine-specific demethylase 4D'
2 non-polymer 'ZINC ION'
3 non-polymer 'NICKEL (II) ION'
4 non-polymer N-OXALYLGLYCINE
5 non-polymer 1,2-ETHANEDIOL
6 non-polymer 'SULFATE ION'
7 non-polymer 2-methylquinazolin-4(3H)-one
8 water water
#
_entity_poly.entity_id   1
_entity_poly.type   'polypeptide(L)'
_entity_poly.pdbx_seq_one_letter_code
;MHHHHHHSSGVDLGTENLYFQSMETMKSKANCAQNPNCNIMIFHPTKEEFNDFDKYIAYMESQGAHRAGLAKIIPPKEWK
ARETYDNISEILIATPLQQVASGRAGVFTQYHKKKKAMTVGEYRHLANSKKYQTPPHQNFEDLERKYWKNRIYNSPIYGA
DISGSLFDENTKQWNLGHLGTIQDLLEKECGVVIEGVNTPYLYFGMWKTTFAWHTEDMDLYSINYLHLGEPKTWYVVPPE
HGQRLERLARELFPGSSRGCGAFLRHKVALISPTVLKENGIPFNRITQEAGEFMVTFPYGYHAGFNHGFNCAEAINFATP
RWIDYGKMASQCSCGEARVTFSMDAFVRILQPERYDLWKRGQDR
;
_entity_poly.pdbx_strand_id   A
#
# COMPACT_ATOMS: atom_id res chain seq x y z
N ALA A 33 -0.08 16.42 -22.94
CA ALA A 33 -0.28 15.46 -21.86
C ALA A 33 -0.48 16.15 -20.52
N GLN A 34 -1.46 15.68 -19.76
CA GLN A 34 -1.76 16.27 -18.46
C GLN A 34 -0.75 15.84 -17.40
N ASN A 35 -0.42 16.77 -16.50
CA ASN A 35 0.52 16.50 -15.40
C ASN A 35 1.86 15.88 -15.85
N PRO A 36 2.56 16.53 -16.80
CA PRO A 36 3.79 15.90 -17.33
C PRO A 36 4.92 15.77 -16.32
N ASN A 37 4.94 16.61 -15.28
CA ASN A 37 5.99 16.52 -14.26
C ASN A 37 5.62 15.47 -13.20
N CYS A 38 4.47 14.81 -13.35
CA CYS A 38 4.09 13.71 -12.46
C CYS A 38 3.97 14.15 -10.99
N ASN A 39 3.40 15.33 -10.79
CA ASN A 39 3.15 15.84 -9.45
C ASN A 39 1.98 15.16 -8.79
N ILE A 40 2.04 15.02 -7.46
CA ILE A 40 0.89 14.51 -6.72
C ILE A 40 -0.21 15.55 -6.73
N MET A 41 -1.37 15.15 -7.24
CA MET A 41 -2.51 16.06 -7.30
C MET A 41 -3.45 15.85 -6.14
N ILE A 42 -4.12 16.94 -5.74
CA ILE A 42 -5.06 16.93 -4.64
C ILE A 42 -6.43 17.33 -5.17
N PHE A 43 -7.44 16.53 -4.87
CA PHE A 43 -8.79 16.73 -5.40
C PHE A 43 -9.77 17.05 -4.29
N HIS A 44 -10.71 17.94 -4.59
CA HIS A 44 -11.76 18.36 -3.68
C HIS A 44 -13.14 18.14 -4.29
N PRO A 45 -13.57 16.87 -4.41
CA PRO A 45 -14.90 16.60 -5.01
C PRO A 45 -16.04 17.22 -4.22
N THR A 46 -17.05 17.69 -4.94
CA THR A 46 -18.31 18.09 -4.31
C THR A 46 -19.06 16.84 -3.89
N LYS A 47 -20.11 17.01 -3.08
CA LYS A 47 -20.88 15.84 -2.68
C LYS A 47 -21.54 15.19 -3.89
N GLU A 48 -21.91 15.98 -4.89
CA GLU A 48 -22.47 15.42 -6.11
C GLU A 48 -21.42 14.58 -6.86
N GLU A 49 -20.20 15.09 -6.93
CA GLU A 49 -19.12 14.36 -7.60
C GLU A 49 -18.67 13.12 -6.83
N PHE A 50 -19.06 13.03 -5.57
CA PHE A 50 -18.62 11.96 -4.68
C PHE A 50 -19.55 10.75 -4.76
N ASN A 51 -20.57 10.83 -5.60
CA ASN A 51 -21.53 9.74 -5.70
C ASN A 51 -21.02 8.55 -6.49
N ASP A 52 -20.37 8.83 -7.62
CA ASP A 52 -19.93 7.80 -8.56
C ASP A 52 -18.42 7.61 -8.47
N PHE A 53 -18.02 6.56 -7.75
CA PHE A 53 -16.60 6.31 -7.49
C PHE A 53 -15.80 6.13 -8.78
N ASP A 54 -16.24 5.19 -9.62
N ASP A 54 -16.26 5.21 -9.64
CA ASP A 54 -15.54 4.90 -10.88
CA ASP A 54 -15.54 4.89 -10.86
C ASP A 54 -15.39 6.15 -11.73
C ASP A 54 -15.45 6.07 -11.83
N LYS A 55 -16.47 6.91 -11.83
CA LYS A 55 -16.47 8.11 -12.65
C LYS A 55 -15.44 9.13 -12.14
N TYR A 56 -15.31 9.26 -10.83
CA TYR A 56 -14.37 10.24 -10.30
C TYR A 56 -12.92 9.76 -10.48
N ILE A 57 -12.66 8.46 -10.34
CA ILE A 57 -11.31 7.97 -10.61
C ILE A 57 -10.95 8.27 -12.06
N ALA A 58 -11.89 8.02 -12.98
CA ALA A 58 -11.66 8.30 -14.40
C ALA A 58 -11.40 9.81 -14.63
N TYR A 59 -12.15 10.65 -13.92
CA TYR A 59 -11.91 12.09 -13.99
C TYR A 59 -10.50 12.47 -13.53
N MET A 60 -10.08 11.93 -12.40
N MET A 60 -10.08 11.94 -12.39
CA MET A 60 -8.75 12.23 -11.88
CA MET A 60 -8.74 12.23 -11.88
C MET A 60 -7.69 11.87 -12.92
C MET A 60 -7.68 11.87 -12.92
N GLU A 61 -7.84 10.71 -13.55
CA GLU A 61 -6.88 10.28 -14.56
C GLU A 61 -6.95 11.17 -15.81
N SER A 62 -8.12 11.69 -16.15
CA SER A 62 -8.24 12.60 -17.29
C SER A 62 -7.43 13.88 -17.03
N GLN A 63 -7.16 14.17 -15.75
CA GLN A 63 -6.36 15.33 -15.37
C GLN A 63 -4.90 14.96 -15.13
N GLY A 64 -4.55 13.71 -15.39
CA GLY A 64 -3.17 13.25 -15.27
C GLY A 64 -2.74 12.79 -13.89
N ALA A 65 -3.69 12.59 -12.98
CA ALA A 65 -3.34 12.25 -11.60
C ALA A 65 -2.49 10.99 -11.51
N HIS A 66 -2.79 10.00 -12.35
CA HIS A 66 -2.09 8.71 -12.26
C HIS A 66 -0.61 8.81 -12.56
N ARG A 67 -0.19 9.88 -13.26
CA ARG A 67 1.22 9.98 -13.63
C ARG A 67 2.11 10.08 -12.40
N ALA A 68 1.58 10.63 -11.30
CA ALA A 68 2.34 10.73 -10.06
C ALA A 68 2.50 9.38 -9.36
N GLY A 69 1.53 8.47 -9.57
CA GLY A 69 1.50 7.23 -8.81
C GLY A 69 0.64 7.29 -7.56
N LEU A 70 0.28 8.51 -7.16
CA LEU A 70 -0.44 8.75 -5.92
C LEU A 70 -1.26 10.04 -6.04
N ALA A 71 -2.48 10.03 -5.51
CA ALA A 71 -3.31 11.24 -5.45
C ALA A 71 -3.96 11.35 -4.07
N LYS A 72 -4.23 12.56 -3.63
CA LYS A 72 -5.01 12.81 -2.42
C LYS A 72 -6.41 13.26 -2.79
N ILE A 73 -7.41 12.72 -2.08
CA ILE A 73 -8.79 13.15 -2.27
C ILE A 73 -9.35 13.59 -0.92
N ILE A 74 -9.75 14.85 -0.86
CA ILE A 74 -10.35 15.39 0.35
C ILE A 74 -11.87 15.29 0.17
N PRO A 75 -12.54 14.52 1.03
CA PRO A 75 -13.98 14.33 0.84
C PRO A 75 -14.77 15.61 1.08
N PRO A 76 -15.98 15.70 0.49
CA PRO A 76 -16.86 16.86 0.75
C PRO A 76 -17.05 17.07 2.25
N LYS A 77 -17.22 18.32 2.67
CA LYS A 77 -17.41 18.65 4.08
C LYS A 77 -18.65 17.99 4.67
N GLU A 78 -19.61 17.64 3.82
CA GLU A 78 -20.86 17.02 4.27
C GLU A 78 -20.70 15.52 4.57
N TRP A 79 -19.58 14.94 4.14
CA TRP A 79 -19.39 13.49 4.21
C TRP A 79 -18.72 13.05 5.51
N LYS A 80 -19.11 11.86 5.98
CA LYS A 80 -18.45 11.24 7.13
C LYS A 80 -18.32 9.74 6.90
N ALA A 81 -17.23 9.16 7.37
CA ALA A 81 -17.05 7.72 7.26
C ALA A 81 -17.96 6.98 8.24
N ARG A 82 -18.10 7.56 9.43
CA ARG A 82 -18.95 6.99 10.49
C ARG A 82 -19.21 8.10 11.51
N GLU A 83 -20.09 7.84 12.46
CA GLU A 83 -20.48 8.87 13.41
C GLU A 83 -19.37 9.25 14.38
N THR A 84 -18.80 8.27 15.08
CA THR A 84 -17.68 8.51 15.98
C THR A 84 -16.73 7.33 16.01
N TYR A 85 -15.55 7.55 16.57
CA TYR A 85 -14.58 6.47 16.76
C TYR A 85 -14.47 6.11 18.24
N ASP A 86 -15.53 6.39 19.00
CA ASP A 86 -15.50 6.21 20.45
C ASP A 86 -15.52 4.76 20.92
N ASN A 87 -15.92 3.83 20.05
CA ASN A 87 -16.12 2.46 20.49
C ASN A 87 -15.30 1.43 19.73
N ILE A 88 -14.08 1.81 19.36
CA ILE A 88 -13.23 0.92 18.59
C ILE A 88 -12.17 0.19 19.43
N SER A 89 -12.16 0.41 20.74
CA SER A 89 -11.04 -0.06 21.56
C SER A 89 -11.00 -1.57 21.72
N GLU A 90 -12.11 -2.25 21.45
CA GLU A 90 -12.16 -3.70 21.65
C GLU A 90 -11.87 -4.50 20.40
N ILE A 91 -11.58 -3.81 19.30
CA ILE A 91 -11.04 -4.48 18.13
C ILE A 91 -9.75 -5.20 18.53
N LEU A 92 -9.57 -6.44 18.08
CA LEU A 92 -8.36 -7.18 18.41
C LEU A 92 -7.32 -7.08 17.30
N ILE A 93 -6.08 -6.79 17.69
CA ILE A 93 -4.92 -6.94 16.82
C ILE A 93 -4.31 -8.30 17.18
N ALA A 94 -4.71 -9.33 16.45
CA ALA A 94 -4.34 -10.70 16.79
C ALA A 94 -2.83 -10.92 16.74
N THR A 95 -2.18 -10.27 15.80
CA THR A 95 -0.75 -10.46 15.60
C THR A 95 -0.05 -9.12 15.34
N PRO A 96 0.17 -8.34 16.40
CA PRO A 96 0.94 -7.11 16.22
C PRO A 96 2.35 -7.44 15.71
N LEU A 97 2.92 -6.57 14.88
CA LEU A 97 4.21 -6.83 14.26
C LEU A 97 5.25 -5.82 14.70
N GLN A 98 6.32 -6.31 15.32
CA GLN A 98 7.43 -5.44 15.71
C GLN A 98 8.37 -5.31 14.52
N GLN A 99 8.60 -4.09 14.07
CA GLN A 99 9.34 -3.85 12.83
C GLN A 99 10.81 -3.56 13.12
N VAL A 100 11.62 -4.60 13.03
CA VAL A 100 13.02 -4.52 13.42
C VAL A 100 13.89 -4.22 12.20
N ALA A 101 14.69 -3.16 12.27
CA ALA A 101 15.47 -2.70 11.11
C ALA A 101 16.90 -3.23 11.10
N SER A 102 17.45 -3.38 9.89
CA SER A 102 18.86 -3.73 9.69
C SER A 102 19.40 -2.91 8.55
N GLY A 103 20.62 -2.39 8.71
CA GLY A 103 21.24 -1.64 7.63
C GLY A 103 21.71 -0.29 8.11
N ARG A 104 21.58 0.71 7.25
N ARG A 104 21.63 0.71 7.23
CA ARG A 104 21.97 2.07 7.58
CA ARG A 104 22.00 2.08 7.57
C ARG A 104 20.73 2.93 7.66
C ARG A 104 20.79 2.98 7.50
N ALA A 105 20.90 4.18 8.07
CA ALA A 105 19.76 5.05 8.30
C ALA A 105 18.93 5.27 7.04
N GLY A 106 19.60 5.41 5.91
CA GLY A 106 18.92 5.69 4.65
C GLY A 106 18.68 4.49 3.73
N VAL A 107 19.23 3.33 4.09
CA VAL A 107 19.09 2.12 3.27
C VAL A 107 19.03 0.95 4.23
N PHE A 108 17.81 0.46 4.48
CA PHE A 108 17.66 -0.60 5.45
C PHE A 108 16.53 -1.53 5.07
N THR A 109 16.54 -2.72 5.66
CA THR A 109 15.40 -3.61 5.57
C THR A 109 14.73 -3.71 6.93
N GLN A 110 13.50 -4.19 6.96
CA GLN A 110 12.86 -4.47 8.24
C GLN A 110 12.25 -5.85 8.19
N TYR A 111 12.31 -6.55 9.32
CA TYR A 111 11.55 -7.78 9.40
C TYR A 111 10.52 -7.65 10.49
N HIS A 112 9.48 -8.46 10.38
CA HIS A 112 8.35 -8.37 11.28
C HIS A 112 8.38 -9.50 12.27
N LYS A 113 8.57 -9.14 13.54
CA LYS A 113 8.56 -10.08 14.63
C LYS A 113 7.16 -10.11 15.24
N LYS A 114 6.55 -11.29 15.27
CA LYS A 114 5.20 -11.43 15.79
C LYS A 114 5.17 -11.23 17.31
N LYS A 115 4.19 -10.47 17.77
CA LYS A 115 3.99 -10.23 19.19
C LYS A 115 2.66 -10.79 19.63
N LYS A 116 2.45 -10.88 20.94
CA LYS A 116 1.19 -11.37 21.48
C LYS A 116 0.02 -10.42 21.15
N ALA A 117 -1.18 -10.99 21.04
CA ALA A 117 -2.36 -10.23 20.71
C ALA A 117 -2.62 -9.10 21.70
N MET A 118 -3.19 -8.01 21.20
N MET A 118 -3.13 -7.98 21.19
CA MET A 118 -3.64 -6.94 22.08
CA MET A 118 -3.59 -6.87 22.00
C MET A 118 -4.81 -6.21 21.42
C MET A 118 -4.87 -6.30 21.42
N THR A 119 -5.66 -5.61 22.24
CA THR A 119 -6.79 -4.84 21.73
C THR A 119 -6.28 -3.51 21.22
N VAL A 120 -7.12 -2.84 20.43
CA VAL A 120 -6.78 -1.50 19.94
C VAL A 120 -6.59 -0.54 21.11
N GLY A 121 -7.39 -0.67 22.18
CA GLY A 121 -7.21 0.14 23.36
C GLY A 121 -5.83 -0.05 24.00
N GLU A 122 -5.40 -1.29 24.11
CA GLU A 122 -4.07 -1.58 24.62
C GLU A 122 -2.98 -1.06 23.69
N TYR A 123 -3.20 -1.20 22.40
CA TYR A 123 -2.24 -0.73 21.40
C TYR A 123 -2.09 0.78 21.44
N ARG A 124 -3.21 1.49 21.56
CA ARG A 124 -3.19 2.94 21.66
C ARG A 124 -2.38 3.38 22.88
N HIS A 125 -2.61 2.71 24.01
CA HIS A 125 -1.85 3.00 25.23
C HIS A 125 -0.34 2.78 25.02
N LEU A 126 0.02 1.69 24.35
CA LEU A 126 1.40 1.40 24.04
C LEU A 126 2.01 2.49 23.13
N ALA A 127 1.26 2.86 22.09
CA ALA A 127 1.70 3.89 21.15
C ALA A 127 2.01 5.21 21.86
N ASN A 128 1.22 5.51 22.89
CA ASN A 128 1.34 6.78 23.61
C ASN A 128 2.33 6.71 24.77
N SER A 129 2.93 5.54 25.03
CA SER A 129 3.89 5.38 26.12
C SER A 129 5.17 6.14 25.82
N LYS A 130 5.98 6.40 26.85
CA LYS A 130 7.23 7.13 26.63
C LYS A 130 8.14 6.44 25.62
N LYS A 131 8.15 5.11 25.63
CA LYS A 131 9.04 4.36 24.75
C LYS A 131 8.69 4.56 23.27
N TYR A 132 7.41 4.70 22.97
CA TYR A 132 6.94 4.67 21.58
C TYR A 132 6.34 5.96 21.03
N GLN A 133 6.07 6.92 21.90
N GLN A 133 6.08 6.93 21.91
CA GLN A 133 5.34 8.11 21.48
CA GLN A 133 5.35 8.13 21.51
C GLN A 133 6.16 9.02 20.56
C GLN A 133 6.15 9.08 20.61
N THR A 134 5.44 9.78 19.74
CA THR A 134 6.03 10.78 18.87
C THR A 134 6.85 11.78 19.67
N PRO A 135 8.07 12.10 19.22
CA PRO A 135 8.89 13.10 19.92
C PRO A 135 8.40 14.51 19.66
N PRO A 136 8.80 15.47 20.51
CA PRO A 136 8.55 16.87 20.21
C PRO A 136 9.12 17.23 18.83
N HIS A 137 8.39 18.04 18.07
CA HIS A 137 8.82 18.43 16.73
C HIS A 137 8.17 19.73 16.30
N GLN A 138 8.80 20.42 15.37
CA GLN A 138 8.36 21.76 14.96
C GLN A 138 7.24 21.73 13.93
N ASN A 139 7.34 20.80 13.00
CA ASN A 139 6.41 20.68 11.88
C ASN A 139 6.59 19.32 11.22
N PHE A 140 5.89 19.05 10.12
CA PHE A 140 6.00 17.75 9.47
C PHE A 140 7.42 17.50 8.93
N GLU A 141 8.06 18.56 8.45
CA GLU A 141 9.41 18.45 7.89
C GLU A 141 10.43 18.07 8.96
N ASP A 142 10.29 18.67 10.14
CA ASP A 142 11.15 18.37 11.28
C ASP A 142 10.96 16.90 11.67
N LEU A 143 9.71 16.45 11.72
CA LEU A 143 9.45 15.06 12.09
C LEU A 143 9.99 14.09 11.04
N GLU A 144 9.88 14.46 9.77
CA GLU A 144 10.45 13.67 8.68
C GLU A 144 11.96 13.50 8.84
N ARG A 145 12.66 14.58 9.17
N ARG A 145 12.65 14.60 9.17
CA ARG A 145 14.09 14.50 9.41
CA ARG A 145 14.08 14.57 9.45
C ARG A 145 14.42 13.55 10.57
C ARG A 145 14.41 13.58 10.56
N LYS A 146 13.66 13.67 11.65
CA LYS A 146 13.86 12.78 12.79
C LYS A 146 13.59 11.32 12.41
N TYR A 147 12.56 11.09 11.60
CA TYR A 147 12.25 9.74 11.17
C TYR A 147 13.45 9.11 10.45
N TRP A 148 13.98 9.79 9.43
CA TRP A 148 15.03 9.16 8.64
C TRP A 148 16.35 9.11 9.38
N LYS A 149 16.55 10.01 10.33
CA LYS A 149 17.76 10.00 11.14
CA LYS A 149 17.76 9.99 11.13
C LYS A 149 17.77 8.83 12.13
N ASN A 150 16.62 8.56 12.74
CA ASN A 150 16.55 7.69 13.90
C ASN A 150 15.72 6.41 13.78
N ARG A 151 15.02 6.23 12.66
CA ARG A 151 14.13 5.08 12.51
C ARG A 151 14.80 3.75 12.84
N ILE A 152 16.00 3.52 12.33
CA ILE A 152 16.58 2.19 12.47
C ILE A 152 16.92 1.83 13.92
N TYR A 153 17.00 2.82 14.81
CA TYR A 153 17.40 2.59 16.18
C TYR A 153 16.21 2.24 17.08
N ASN A 154 15.05 2.10 16.48
CA ASN A 154 13.84 1.72 17.22
C ASN A 154 13.08 0.63 16.49
N SER A 155 12.20 -0.06 17.21
CA SER A 155 11.40 -1.12 16.62
C SER A 155 9.93 -0.95 16.97
N PRO A 156 9.25 -0.07 16.23
CA PRO A 156 7.84 0.21 16.51
C PRO A 156 6.97 -1.00 16.21
N ILE A 157 5.79 -1.04 16.82
CA ILE A 157 4.88 -2.16 16.65
C ILE A 157 3.69 -1.70 15.85
N TYR A 158 3.36 -2.46 14.78
N TYR A 158 3.31 -2.42 14.80
CA TYR A 158 2.31 -2.16 13.79
CA TYR A 158 2.14 -1.98 14.08
C TYR A 158 1.16 -3.18 13.91
C TYR A 158 1.17 -3.10 13.77
N GLY A 159 -0.08 -2.73 13.86
CA GLY A 159 -1.19 -3.65 13.66
C GLY A 159 -1.61 -3.59 12.21
N ALA A 160 -1.07 -4.47 11.38
CA ALA A 160 -1.30 -4.38 9.94
C ALA A 160 -2.16 -5.51 9.40
N ASP A 161 -2.79 -5.25 8.26
CA ASP A 161 -3.50 -6.28 7.50
C ASP A 161 -4.55 -6.99 8.33
N ILE A 162 -5.36 -6.20 9.04
CA ILE A 162 -6.44 -6.75 9.84
C ILE A 162 -7.72 -6.68 9.02
N SER A 163 -8.25 -7.83 8.63
N SER A 163 -8.26 -7.83 8.67
CA SER A 163 -9.47 -7.82 7.82
CA SER A 163 -9.49 -7.87 7.87
C SER A 163 -10.61 -7.17 8.62
C SER A 163 -10.65 -7.21 8.61
N GLY A 164 -11.25 -6.18 8.00
CA GLY A 164 -12.36 -5.49 8.63
C GLY A 164 -12.59 -4.11 8.03
N SER A 165 -13.60 -3.42 8.54
CA SER A 165 -13.93 -2.08 8.08
C SER A 165 -14.46 -1.22 9.21
N LEU A 166 -14.17 0.08 9.15
CA LEU A 166 -14.74 1.02 10.11
C LEU A 166 -15.72 1.98 9.44
N PHE A 167 -16.06 1.73 8.18
CA PHE A 167 -17.11 2.53 7.55
C PHE A 167 -18.48 2.09 8.02
N ASP A 168 -19.31 3.07 8.37
CA ASP A 168 -20.71 2.80 8.72
C ASP A 168 -21.40 2.18 7.50
N GLU A 169 -22.25 1.17 7.72
CA GLU A 169 -22.90 0.54 6.58
C GLU A 169 -23.81 1.53 5.84
N ASN A 170 -24.22 2.60 6.52
CA ASN A 170 -25.09 3.59 5.92
C ASN A 170 -24.33 4.68 5.15
N THR A 171 -23.00 4.62 5.20
CA THR A 171 -22.18 5.50 4.39
C THR A 171 -22.17 4.97 2.97
N LYS A 172 -22.79 5.70 2.05
CA LYS A 172 -23.01 5.18 0.71
C LYS A 172 -21.94 5.61 -0.28
N GLN A 173 -21.22 6.68 0.04
CA GLN A 173 -20.19 7.21 -0.85
C GLN A 173 -18.79 6.83 -0.38
N TRP A 174 -17.97 6.30 -1.29
CA TRP A 174 -16.56 6.00 -1.00
C TRP A 174 -16.40 5.14 0.25
N ASN A 175 -17.33 4.20 0.41
CA ASN A 175 -17.27 3.21 1.47
C ASN A 175 -16.38 2.08 0.99
N LEU A 176 -15.20 1.93 1.61
CA LEU A 176 -14.22 0.98 1.09
C LEU A 176 -14.64 -0.48 1.24
N GLY A 177 -15.73 -0.74 1.97
CA GLY A 177 -16.28 -2.09 2.05
C GLY A 177 -17.39 -2.34 1.03
N HIS A 178 -17.72 -1.32 0.23
CA HIS A 178 -18.80 -1.42 -0.76
C HIS A 178 -18.36 -1.16 -2.20
N LEU A 179 -17.07 -1.26 -2.47
CA LEU A 179 -16.59 -1.01 -3.82
C LEU A 179 -16.88 -2.18 -4.73
N GLY A 180 -17.01 -1.91 -6.02
CA GLY A 180 -17.07 -2.98 -7.01
C GLY A 180 -15.80 -3.82 -6.88
N THR A 181 -15.95 -5.13 -7.05
CA THR A 181 -14.83 -6.04 -6.81
C THR A 181 -13.91 -6.15 -8.02
N ILE A 182 -12.65 -6.46 -7.78
CA ILE A 182 -11.69 -6.69 -8.85
CA ILE A 182 -11.72 -6.64 -8.88
C ILE A 182 -12.12 -7.86 -9.72
N GLN A 183 -12.70 -8.88 -9.11
CA GLN A 183 -13.19 -10.03 -9.87
C GLN A 183 -14.28 -9.61 -10.84
N ASP A 184 -15.20 -8.76 -10.39
CA ASP A 184 -16.25 -8.31 -11.29
C ASP A 184 -15.70 -7.38 -12.37
N LEU A 185 -14.67 -6.60 -12.04
CA LEU A 185 -14.04 -5.77 -13.05
C LEU A 185 -13.43 -6.64 -14.15
N LEU A 186 -12.67 -7.66 -13.76
N LEU A 186 -12.69 -7.67 -13.76
CA LEU A 186 -12.09 -8.57 -14.74
CA LEU A 186 -12.07 -8.57 -14.73
C LEU A 186 -13.16 -9.20 -15.62
C LEU A 186 -13.14 -9.25 -15.60
N GLU A 187 -14.26 -9.61 -14.99
CA GLU A 187 -15.35 -10.21 -15.74
C GLU A 187 -16.00 -9.22 -16.71
N LYS A 188 -16.23 -7.98 -16.26
CA LYS A 188 -16.80 -6.96 -17.13
C LYS A 188 -15.89 -6.66 -18.32
N GLU A 189 -14.59 -6.62 -18.09
CA GLU A 189 -13.65 -6.24 -19.13
C GLU A 189 -13.29 -7.37 -20.08
N CYS A 190 -13.13 -8.56 -19.51
N CYS A 190 -13.09 -8.58 -19.55
CA CYS A 190 -12.55 -9.68 -20.25
CA CYS A 190 -12.61 -9.64 -20.42
C CYS A 190 -13.50 -10.85 -20.44
C CYS A 190 -13.50 -10.87 -20.46
N GLY A 191 -14.65 -10.80 -19.79
CA GLY A 191 -15.66 -11.82 -19.92
C GLY A 191 -15.41 -13.12 -19.17
N VAL A 192 -14.35 -13.20 -18.37
CA VAL A 192 -14.14 -14.44 -17.65
C VAL A 192 -14.57 -14.28 -16.19
N VAL A 193 -15.26 -15.29 -15.71
CA VAL A 193 -15.72 -15.35 -14.33
C VAL A 193 -14.69 -16.11 -13.52
N ILE A 194 -14.30 -15.55 -12.39
CA ILE A 194 -13.31 -16.20 -11.54
C ILE A 194 -13.72 -16.20 -10.08
N GLU A 195 -13.16 -17.16 -9.34
CA GLU A 195 -13.31 -17.20 -7.90
C GLU A 195 -12.54 -16.06 -7.26
N GLY A 196 -12.84 -15.80 -5.99
CA GLY A 196 -12.06 -14.86 -5.22
C GLY A 196 -12.90 -13.72 -4.68
N VAL A 197 -12.43 -13.13 -3.60
CA VAL A 197 -13.10 -12.00 -2.99
C VAL A 197 -12.07 -10.95 -2.67
N ASN A 198 -12.55 -9.80 -2.23
N ASN A 198 -12.49 -9.72 -2.49
CA ASN A 198 -11.83 -8.53 -2.22
CA ASN A 198 -11.57 -8.76 -1.93
C ASN A 198 -12.30 -7.62 -1.05
C ASN A 198 -12.32 -7.87 -1.00
N THR A 199 -11.72 -7.74 0.16
CA THR A 199 -12.26 -7.00 1.30
C THR A 199 -11.22 -6.06 1.91
N PRO A 200 -11.67 -5.07 2.68
CA PRO A 200 -10.69 -4.09 3.19
C PRO A 200 -9.84 -4.61 4.35
N TYR A 201 -8.74 -3.92 4.59
N TYR A 201 -8.71 -3.94 4.55
CA TYR A 201 -7.87 -4.20 5.73
CA TYR A 201 -7.80 -4.15 5.68
C TYR A 201 -7.66 -2.96 6.57
C TYR A 201 -7.81 -2.93 6.59
N LEU A 202 -7.61 -3.15 7.89
CA LEU A 202 -7.34 -2.07 8.84
C LEU A 202 -5.87 -2.09 9.22
N TYR A 203 -5.36 -0.90 9.50
CA TYR A 203 -3.97 -0.70 9.91
C TYR A 203 -3.92 0.21 11.10
N PHE A 204 -3.42 -0.29 12.22
CA PHE A 204 -3.22 0.55 13.39
C PHE A 204 -1.75 0.85 13.51
N GLY A 205 -1.38 2.13 13.48
CA GLY A 205 0.03 2.50 13.47
C GLY A 205 0.44 3.32 14.68
N MET A 206 1.75 3.48 14.84
CA MET A 206 2.31 4.35 15.85
C MET A 206 3.51 5.07 15.24
N TRP A 207 4.11 5.99 15.99
CA TRP A 207 5.31 6.68 15.52
C TRP A 207 6.35 5.69 14.97
N LYS A 208 6.86 6.01 13.78
CA LYS A 208 7.92 5.28 13.09
C LYS A 208 7.47 3.98 12.43
N THR A 209 6.22 3.57 12.63
CA THR A 209 5.67 2.46 11.90
CA THR A 209 5.78 2.39 11.89
C THR A 209 5.86 2.71 10.40
N THR A 210 6.31 1.71 9.65
CA THR A 210 6.85 1.91 8.32
C THR A 210 6.24 0.99 7.27
N PHE A 211 5.89 1.52 6.10
CA PHE A 211 5.58 0.63 4.99
C PHE A 211 6.67 0.75 3.95
N ALA A 212 7.21 -0.42 3.60
CA ALA A 212 8.35 -0.55 2.70
C ALA A 212 7.97 -0.23 1.26
N TRP A 213 8.97 0.04 0.44
CA TRP A 213 8.76 0.29 -0.98
C TRP A 213 8.07 -0.88 -1.68
N HIS A 214 6.95 -0.60 -2.33
CA HIS A 214 6.21 -1.66 -3.03
C HIS A 214 5.22 -1.08 -4.02
N THR A 215 4.82 -1.91 -4.99
CA THR A 215 3.58 -1.69 -5.69
C THR A 215 2.56 -2.69 -5.16
N GLU A 216 1.30 -2.52 -5.54
CA GLU A 216 0.28 -3.44 -5.06
C GLU A 216 0.38 -4.79 -5.74
N ASP A 217 -0.23 -5.80 -5.11
N ASP A 217 -0.21 -5.82 -5.13
CA ASP A 217 -0.43 -7.11 -5.72
CA ASP A 217 -0.30 -7.12 -5.78
C ASP A 217 -0.90 -6.91 -7.16
C ASP A 217 -0.90 -6.96 -7.17
N MET A 218 -0.25 -7.58 -8.10
N MET A 218 -0.33 -7.64 -8.15
CA MET A 218 -0.68 -7.55 -9.50
CA MET A 218 -0.77 -7.54 -9.55
C MET A 218 -0.74 -6.13 -10.06
C MET A 218 -0.74 -6.10 -10.08
N ASP A 219 0.03 -5.23 -9.43
CA ASP A 219 0.07 -3.80 -9.74
C ASP A 219 -1.31 -3.16 -9.80
N LEU A 220 -2.16 -3.57 -8.88
CA LEU A 220 -3.49 -2.99 -8.72
C LEU A 220 -3.45 -1.55 -8.19
N TYR A 221 -4.59 -0.86 -8.24
CA TYR A 221 -4.73 0.37 -7.48
C TYR A 221 -4.87 0.03 -6.01
N SER A 222 -4.63 1.01 -5.15
CA SER A 222 -5.12 0.90 -3.79
CA SER A 222 -5.07 0.92 -3.78
C SER A 222 -5.76 2.21 -3.39
N ILE A 223 -6.67 2.14 -2.43
CA ILE A 223 -7.24 3.34 -1.85
C ILE A 223 -7.16 3.18 -0.34
N ASN A 224 -6.77 4.26 0.31
CA ASN A 224 -6.42 4.28 1.72
C ASN A 224 -7.12 5.45 2.38
N TYR A 225 -7.93 5.17 3.39
CA TYR A 225 -8.59 6.21 4.16
C TYR A 225 -7.99 6.27 5.56
N LEU A 226 -7.54 7.46 5.97
CA LEU A 226 -7.00 7.63 7.31
C LEU A 226 -8.16 8.00 8.24
N HIS A 227 -8.66 7.01 9.00
CA HIS A 227 -9.85 7.19 9.82
C HIS A 227 -9.65 8.14 10.99
N LEU A 228 -8.51 8.04 11.64
N LEU A 228 -8.51 8.03 11.62
CA LEU A 228 -8.34 8.63 12.96
CA LEU A 228 -8.28 8.79 12.84
C LEU A 228 -6.87 8.75 13.35
C LEU A 228 -6.82 8.90 13.16
N GLY A 229 -6.51 9.83 14.04
CA GLY A 229 -5.19 9.93 14.63
C GLY A 229 -4.20 10.76 13.89
N GLU A 230 -2.93 10.45 14.08
CA GLU A 230 -1.83 11.24 13.56
C GLU A 230 -1.56 10.94 12.08
N PRO A 231 -0.84 11.83 11.39
CA PRO A 231 -0.68 11.69 9.95
C PRO A 231 0.16 10.49 9.48
N LYS A 232 0.11 10.29 8.17
CA LYS A 232 0.90 9.29 7.48
CA LYS A 232 0.95 9.31 7.49
C LYS A 232 1.63 10.01 6.34
N THR A 233 2.97 9.92 6.30
CA THR A 233 3.71 10.52 5.19
C THR A 233 4.02 9.47 4.13
N TRP A 234 3.78 9.84 2.89
CA TRP A 234 3.95 8.96 1.73
C TRP A 234 5.07 9.43 0.81
N TYR A 235 5.80 8.47 0.25
CA TYR A 235 6.74 8.71 -0.86
C TYR A 235 6.27 7.90 -2.05
N VAL A 236 6.43 8.42 -3.27
CA VAL A 236 5.94 7.69 -4.43
C VAL A 236 6.81 7.99 -5.66
N VAL A 237 7.05 6.94 -6.46
CA VAL A 237 7.76 7.07 -7.73
C VAL A 237 6.74 6.98 -8.86
N PRO A 238 6.79 7.92 -9.81
CA PRO A 238 5.86 7.84 -10.96
C PRO A 238 5.93 6.48 -11.64
N PRO A 239 4.78 5.89 -12.00
CA PRO A 239 4.78 4.58 -12.67
C PRO A 239 5.70 4.52 -13.88
N GLU A 240 5.80 5.60 -14.65
CA GLU A 240 6.64 5.56 -15.84
C GLU A 240 8.13 5.44 -15.48
N HIS A 241 8.48 5.66 -14.21
CA HIS A 241 9.87 5.55 -13.76
C HIS A 241 10.10 4.43 -12.74
N GLY A 242 9.13 3.54 -12.58
CA GLY A 242 9.25 2.46 -11.62
C GLY A 242 10.50 1.61 -11.81
N GLN A 243 10.89 1.37 -13.05
CA GLN A 243 12.05 0.51 -13.28
CA GLN A 243 12.06 0.53 -13.33
C GLN A 243 13.35 1.16 -12.81
N ARG A 244 13.37 2.50 -12.72
CA ARG A 244 14.53 3.19 -12.16
C ARG A 244 14.69 2.86 -10.68
N LEU A 245 13.57 2.82 -9.96
CA LEU A 245 13.63 2.46 -8.57
C LEU A 245 14.06 1.01 -8.42
N GLU A 246 13.54 0.14 -9.28
CA GLU A 246 13.93 -1.27 -9.23
C GLU A 246 15.43 -1.46 -9.43
N ARG A 247 15.99 -0.74 -10.40
CA ARG A 247 17.42 -0.84 -10.67
C ARG A 247 18.24 -0.38 -9.47
N LEU A 248 17.86 0.73 -8.84
CA LEU A 248 18.56 1.19 -7.65
C LEU A 248 18.43 0.15 -6.53
N ALA A 249 17.23 -0.39 -6.35
CA ALA A 249 17.02 -1.39 -5.31
C ALA A 249 17.93 -2.60 -5.52
N ARG A 250 18.11 -3.04 -6.77
N ARG A 250 18.10 -3.05 -6.76
CA ARG A 250 18.99 -4.18 -7.03
CA ARG A 250 18.99 -4.18 -7.03
C ARG A 250 20.43 -3.85 -6.67
C ARG A 250 20.43 -3.85 -6.64
N GLU A 251 20.84 -2.61 -6.87
CA GLU A 251 22.18 -2.16 -6.49
C GLU A 251 22.34 -2.07 -4.97
N LEU A 252 21.30 -1.60 -4.28
CA LEU A 252 21.40 -1.35 -2.84
C LEU A 252 21.18 -2.58 -1.98
N PHE A 253 20.47 -3.57 -2.54
CA PHE A 253 20.19 -4.82 -1.84
C PHE A 253 20.61 -5.99 -2.72
N PRO A 254 21.92 -6.13 -2.93
CA PRO A 254 22.38 -7.06 -3.98
C PRO A 254 22.10 -8.54 -3.68
N GLY A 255 22.24 -8.97 -2.43
CA GLY A 255 21.91 -10.33 -2.06
C GLY A 255 20.44 -10.64 -2.28
N SER A 256 19.57 -9.72 -1.88
CA SER A 256 18.14 -9.91 -2.07
C SER A 256 17.81 -10.04 -3.54
N SER A 257 18.47 -9.23 -4.36
CA SER A 257 18.24 -9.25 -5.80
C SER A 257 18.63 -10.58 -6.41
N ARG A 258 19.74 -11.16 -5.93
CA ARG A 258 20.15 -12.47 -6.43
C ARG A 258 19.15 -13.56 -6.02
N GLY A 259 18.52 -13.38 -4.87
CA GLY A 259 17.60 -14.38 -4.35
C GLY A 259 16.24 -14.40 -5.02
N CYS A 260 15.84 -13.27 -5.60
CA CYS A 260 14.49 -13.14 -6.17
C CYS A 260 14.45 -12.04 -7.22
N GLY A 261 13.83 -12.35 -8.36
CA GLY A 261 13.73 -11.41 -9.45
C GLY A 261 12.76 -10.27 -9.22
N ALA A 262 11.99 -10.35 -8.13
CA ALA A 262 11.03 -9.32 -7.78
C ALA A 262 10.98 -9.14 -6.27
N PHE A 263 12.15 -8.96 -5.65
CA PHE A 263 12.21 -8.98 -4.20
C PHE A 263 11.50 -7.79 -3.52
N LEU A 264 11.20 -6.72 -4.26
CA LEU A 264 10.43 -5.65 -3.61
C LEU A 264 9.01 -6.15 -3.27
N ARG A 265 8.58 -7.25 -3.89
CA ARG A 265 7.31 -7.90 -3.51
C ARG A 265 7.33 -8.38 -2.07
N HIS A 266 8.53 -8.55 -1.49
CA HIS A 266 8.64 -8.99 -0.11
C HIS A 266 8.25 -7.89 0.88
N LYS A 267 8.22 -6.65 0.39
CA LYS A 267 7.81 -5.48 1.17
C LYS A 267 8.62 -5.33 2.44
N VAL A 268 9.95 -5.32 2.30
CA VAL A 268 10.81 -5.12 3.46
C VAL A 268 11.93 -4.10 3.26
N ALA A 269 12.02 -3.50 2.06
CA ALA A 269 13.16 -2.61 1.74
C ALA A 269 12.80 -1.13 1.85
N LEU A 270 13.64 -0.37 2.54
CA LEU A 270 13.47 1.08 2.66
C LEU A 270 14.66 1.82 2.08
N ILE A 271 14.36 2.91 1.37
CA ILE A 271 15.37 3.81 0.81
C ILE A 271 14.89 5.21 1.10
N SER A 272 15.75 6.04 1.70
CA SER A 272 15.36 7.39 2.11
C SER A 272 15.25 8.37 0.93
N PRO A 273 14.52 9.47 1.10
CA PRO A 273 14.47 10.49 0.04
C PRO A 273 15.87 11.05 -0.29
N THR A 274 16.74 11.15 0.71
CA THR A 274 18.10 11.62 0.44
C THR A 274 18.84 10.68 -0.51
N VAL A 275 18.72 9.37 -0.27
CA VAL A 275 19.37 8.40 -1.14
C VAL A 275 18.73 8.37 -2.52
N LEU A 276 17.40 8.51 -2.59
CA LEU A 276 16.76 8.62 -3.89
C LEU A 276 17.29 9.83 -4.68
N LYS A 277 17.42 10.98 -4.02
N LYS A 277 17.40 10.98 -4.03
CA LYS A 277 17.93 12.17 -4.68
CA LYS A 277 17.93 12.16 -4.69
C LYS A 277 19.38 12.00 -5.13
C LYS A 277 19.37 11.96 -5.16
N GLU A 278 20.19 11.35 -4.30
CA GLU A 278 21.60 11.11 -4.64
C GLU A 278 21.72 10.25 -5.89
N ASN A 279 20.74 9.40 -6.12
CA ASN A 279 20.76 8.50 -7.26
C ASN A 279 19.84 8.91 -8.41
N GLY A 280 19.28 10.11 -8.31
CA GLY A 280 18.50 10.68 -9.40
C GLY A 280 17.18 9.97 -9.66
N ILE A 281 16.62 9.32 -8.64
CA ILE A 281 15.32 8.66 -8.79
C ILE A 281 14.21 9.67 -8.62
N PRO A 282 13.37 9.82 -9.65
CA PRO A 282 12.26 10.76 -9.51
C PRO A 282 11.23 10.27 -8.50
N PHE A 283 10.82 11.16 -7.59
CA PHE A 283 9.82 10.80 -6.59
C PHE A 283 9.13 12.04 -6.07
N ASN A 284 8.04 11.82 -5.37
CA ASN A 284 7.35 12.90 -4.68
C ASN A 284 6.95 12.45 -3.28
N ARG A 285 6.57 13.41 -2.44
N ARG A 285 6.57 13.42 -2.45
CA ARG A 285 6.15 13.10 -1.09
CA ARG A 285 6.17 13.14 -1.09
C ARG A 285 4.97 13.96 -0.68
C ARG A 285 4.93 13.94 -0.73
N ILE A 286 4.13 13.42 0.19
CA ILE A 286 2.97 14.15 0.68
C ILE A 286 2.56 13.55 2.01
N THR A 287 1.96 14.37 2.87
CA THR A 287 1.47 13.89 4.15
C THR A 287 -0.05 13.86 4.14
N GLN A 288 -0.59 12.68 4.47
CA GLN A 288 -2.02 12.42 4.57
C GLN A 288 -2.46 12.64 6.02
N GLU A 289 -3.56 13.37 6.21
CA GLU A 289 -4.08 13.60 7.54
C GLU A 289 -5.43 12.91 7.72
N ALA A 290 -5.87 12.79 8.96
CA ALA A 290 -7.12 12.11 9.25
C ALA A 290 -8.27 12.73 8.45
N GLY A 291 -9.10 11.87 7.88
CA GLY A 291 -10.24 12.32 7.09
C GLY A 291 -9.96 12.42 5.61
N GLU A 292 -8.75 12.02 5.19
CA GLU A 292 -8.35 12.13 3.78
C GLU A 292 -8.12 10.77 3.16
N PHE A 293 -8.47 10.65 1.88
CA PHE A 293 -8.19 9.47 1.08
C PHE A 293 -6.90 9.65 0.29
N MET A 294 -6.15 8.58 0.13
CA MET A 294 -5.08 8.51 -0.86
C MET A 294 -5.40 7.37 -1.83
N VAL A 295 -5.13 7.60 -3.11
CA VAL A 295 -5.21 6.52 -4.10
C VAL A 295 -3.83 6.29 -4.67
N THR A 296 -3.38 5.03 -4.67
CA THR A 296 -2.17 4.69 -5.43
C THR A 296 -2.59 4.07 -6.76
N PHE A 297 -1.82 4.36 -7.80
CA PHE A 297 -2.16 3.95 -9.15
C PHE A 297 -1.29 2.77 -9.58
N PRO A 298 -1.74 2.01 -10.60
CA PRO A 298 -0.98 0.84 -11.02
C PRO A 298 0.49 1.11 -11.25
N TYR A 299 1.32 0.29 -10.61
CA TYR A 299 2.77 0.32 -10.73
C TYR A 299 3.37 1.61 -10.18
N GLY A 300 2.66 2.23 -9.25
CA GLY A 300 3.19 3.37 -8.52
C GLY A 300 3.85 2.89 -7.24
N TYR A 301 5.18 2.80 -7.24
CA TYR A 301 5.91 2.40 -6.04
C TYR A 301 5.69 3.42 -4.94
N HIS A 302 5.39 2.94 -3.73
CA HIS A 302 5.22 3.85 -2.62
C HIS A 302 5.78 3.26 -1.33
N ALA A 303 6.09 4.15 -0.39
CA ALA A 303 6.63 3.81 0.92
C ALA A 303 6.22 4.93 1.87
N GLY A 304 6.34 4.70 3.17
CA GLY A 304 6.02 5.78 4.08
C GLY A 304 6.08 5.42 5.55
N PHE A 305 5.62 6.33 6.39
CA PHE A 305 5.64 6.11 7.83
C PHE A 305 4.52 6.86 8.53
N ASN A 306 4.17 6.38 9.72
CA ASN A 306 3.16 7.02 10.54
C ASN A 306 3.79 7.96 11.56
N HIS A 307 3.08 9.05 11.84
CA HIS A 307 3.57 10.09 12.74
C HIS A 307 3.32 9.77 14.21
N GLY A 308 2.37 8.89 14.48
CA GLY A 308 1.92 8.62 15.84
C GLY A 308 0.74 7.68 15.75
N PHE A 309 0.01 7.47 16.84
CA PHE A 309 -1.11 6.55 16.81
C PHE A 309 -2.12 6.93 15.75
N ASN A 310 -2.48 5.98 14.90
CA ASN A 310 -3.54 6.22 13.93
C ASN A 310 -4.19 4.93 13.47
N CYS A 311 -5.23 5.08 12.67
CA CYS A 311 -5.92 3.96 12.09
C CYS A 311 -6.28 4.29 10.66
N ALA A 312 -5.86 3.43 9.74
CA ALA A 312 -6.20 3.57 8.34
C ALA A 312 -6.92 2.32 7.85
N GLU A 313 -7.66 2.47 6.77
CA GLU A 313 -8.34 1.37 6.13
C GLU A 313 -7.99 1.41 4.66
N ALA A 314 -7.66 0.27 4.07
CA ALA A 314 -7.26 0.25 2.67
C ALA A 314 -7.75 -0.99 1.95
N ILE A 315 -7.90 -0.88 0.64
CA ILE A 315 -8.33 -1.99 -0.18
C ILE A 315 -7.77 -1.79 -1.59
N ASN A 316 -7.52 -2.90 -2.29
CA ASN A 316 -7.18 -2.83 -3.70
C ASN A 316 -8.41 -2.72 -4.57
N PHE A 317 -8.28 -2.04 -5.70
CA PHE A 317 -9.34 -2.03 -6.68
C PHE A 317 -8.76 -1.94 -8.07
N ALA A 318 -9.62 -2.10 -9.06
CA ALA A 318 -9.21 -2.10 -10.46
C ALA A 318 -10.11 -1.21 -11.29
N THR A 319 -9.59 -0.83 -12.46
CA THR A 319 -10.34 -0.11 -13.49
C THR A 319 -9.99 -0.76 -14.82
N PRO A 320 -10.69 -0.36 -15.90
CA PRO A 320 -10.26 -0.92 -17.19
C PRO A 320 -8.79 -0.67 -17.52
N ARG A 321 -8.24 0.48 -17.11
CA ARG A 321 -6.86 0.78 -17.43
C ARG A 321 -5.88 -0.13 -16.69
N TRP A 322 -6.32 -0.71 -15.57
CA TRP A 322 -5.43 -1.62 -14.83
C TRP A 322 -5.07 -2.89 -15.60
N ILE A 323 -5.97 -3.38 -16.46
CA ILE A 323 -5.80 -4.72 -17.02
C ILE A 323 -4.41 -4.92 -17.65
N ASP A 324 -3.95 -3.94 -18.41
CA ASP A 324 -2.64 -4.09 -19.06
C ASP A 324 -1.49 -4.12 -18.03
N TYR A 325 -1.64 -3.40 -16.93
CA TYR A 325 -0.65 -3.48 -15.85
C TYR A 325 -0.68 -4.85 -15.18
N GLY A 326 -1.87 -5.39 -14.96
CA GLY A 326 -1.97 -6.72 -14.38
C GLY A 326 -1.26 -7.77 -15.23
N LYS A 327 -1.37 -7.65 -16.55
CA LYS A 327 -0.73 -8.59 -17.46
C LYS A 327 0.79 -8.56 -17.36
N MET A 328 1.33 -7.40 -17.01
CA MET A 328 2.77 -7.17 -17.03
C MET A 328 3.41 -7.24 -15.65
N ALA A 329 2.60 -7.38 -14.61
CA ALA A 329 3.11 -7.30 -13.25
C ALA A 329 4.17 -8.37 -12.96
N SER A 330 5.26 -7.97 -12.31
N SER A 330 5.25 -7.94 -12.32
CA SER A 330 6.31 -8.91 -11.98
CA SER A 330 6.27 -8.88 -11.89
C SER A 330 6.00 -9.66 -10.68
C SER A 330 5.70 -9.79 -10.83
N GLN A 331 6.32 -10.96 -10.66
CA GLN A 331 5.97 -11.83 -9.56
C GLN A 331 7.18 -12.33 -8.79
N CYS A 332 6.98 -12.47 -7.48
N CYS A 332 7.02 -12.47 -7.48
CA CYS A 332 7.91 -13.20 -6.64
CA CYS A 332 8.07 -13.06 -6.65
C CYS A 332 7.62 -14.70 -6.75
C CYS A 332 8.46 -14.46 -7.16
N SER A 333 8.60 -15.47 -7.21
N SER A 333 9.76 -14.72 -7.30
CA SER A 333 8.45 -16.91 -7.35
CA SER A 333 10.20 -15.99 -7.85
C SER A 333 9.44 -17.64 -6.43
C SER A 333 10.73 -16.95 -6.78
N CYS A 334 10.30 -16.89 -5.77
N CYS A 334 10.85 -16.48 -5.55
CA CYS A 334 11.23 -17.45 -4.79
CA CYS A 334 11.46 -17.28 -4.48
C CYS A 334 10.41 -17.98 -3.63
C CYS A 334 10.48 -17.84 -3.44
N GLY A 335 9.22 -17.42 -3.47
CA GLY A 335 8.25 -17.92 -2.53
C GLY A 335 8.06 -17.11 -1.26
N GLU A 336 8.93 -16.12 -1.03
CA GLU A 336 8.84 -15.31 0.18
C GLU A 336 7.54 -14.53 0.25
N ALA A 337 7.12 -13.98 -0.88
CA ALA A 337 5.88 -13.21 -0.92
C ALA A 337 4.72 -14.13 -1.27
N ARG A 338 4.09 -14.67 -0.22
CA ARG A 338 2.96 -15.58 -0.41
C ARG A 338 1.81 -14.88 -1.12
N VAL A 339 1.28 -15.53 -2.13
CA VAL A 339 0.20 -14.96 -2.90
C VAL A 339 -1.16 -15.49 -2.45
N THR A 340 -2.07 -14.57 -2.17
CA THR A 340 -3.40 -14.92 -1.66
C THR A 340 -4.20 -15.76 -2.65
N PHE A 341 -5.21 -16.44 -2.11
N PHE A 341 -5.23 -16.43 -2.16
CA PHE A 341 -6.18 -17.21 -2.88
CA PHE A 341 -6.05 -17.26 -3.03
C PHE A 341 -6.72 -16.43 -4.07
C PHE A 341 -6.72 -16.42 -4.12
N SER A 342 -7.05 -15.16 -3.83
CA SER A 342 -7.69 -14.34 -4.83
C SER A 342 -6.72 -13.91 -5.93
N MET A 343 -5.47 -13.71 -5.55
N MET A 343 -5.47 -13.65 -5.55
CA MET A 343 -4.48 -13.33 -6.54
CA MET A 343 -4.52 -13.21 -6.57
C MET A 343 -4.12 -14.53 -7.43
C MET A 343 -4.17 -14.36 -7.51
N ASP A 344 -4.39 -15.75 -6.96
N ASP A 344 -4.29 -15.60 -7.03
CA ASP A 344 -4.19 -16.94 -7.78
CA ASP A 344 -4.04 -16.77 -7.87
C ASP A 344 -4.86 -16.81 -9.15
C ASP A 344 -4.83 -16.74 -9.18
N ALA A 345 -6.12 -16.39 -9.11
CA ALA A 345 -6.94 -16.33 -10.32
C ALA A 345 -6.44 -15.24 -11.26
N PHE A 346 -5.98 -14.13 -10.69
N PHE A 346 -5.95 -14.14 -10.72
CA PHE A 346 -5.44 -13.04 -11.49
CA PHE A 346 -5.46 -13.08 -11.58
C PHE A 346 -4.26 -13.56 -12.32
C PHE A 346 -4.18 -13.46 -12.31
N VAL A 347 -3.32 -14.25 -11.66
CA VAL A 347 -2.13 -14.73 -12.34
C VAL A 347 -2.56 -15.77 -13.38
N ARG A 348 -3.49 -16.65 -12.98
N ARG A 348 -3.48 -16.66 -12.99
CA ARG A 348 -3.95 -17.73 -13.87
CA ARG A 348 -3.91 -17.72 -13.90
C ARG A 348 -4.52 -17.20 -15.19
C ARG A 348 -4.51 -17.19 -15.21
N ILE A 349 -5.33 -16.15 -15.11
CA ILE A 349 -5.99 -15.61 -16.28
C ILE A 349 -5.11 -14.60 -17.02
N LEU A 350 -4.47 -13.68 -16.31
CA LEU A 350 -3.70 -12.64 -16.99
C LEU A 350 -2.28 -13.04 -17.35
N GLN A 351 -1.72 -14.01 -16.61
N GLN A 351 -1.70 -13.99 -16.60
CA GLN A 351 -0.34 -14.44 -16.84
CA GLN A 351 -0.35 -14.45 -16.86
C GLN A 351 -0.19 -15.96 -16.92
C GLN A 351 -0.26 -15.97 -16.87
N PRO A 352 -0.94 -16.62 -17.83
CA PRO A 352 -0.96 -18.08 -17.84
C PRO A 352 0.43 -18.72 -17.97
N GLU A 353 1.35 -18.08 -18.69
N GLU A 353 1.37 -18.12 -18.69
CA GLU A 353 2.71 -18.62 -18.89
CA GLU A 353 2.69 -18.73 -18.74
C GLU A 353 3.50 -18.67 -17.59
C GLU A 353 3.33 -18.74 -17.35
N ARG A 354 3.25 -17.73 -16.69
N ARG A 354 3.31 -17.59 -16.69
CA ARG A 354 3.99 -17.66 -15.44
CA ARG A 354 3.86 -17.48 -15.36
C ARG A 354 3.34 -18.49 -14.35
C ARG A 354 3.20 -18.48 -14.41
N TYR A 355 2.06 -18.83 -14.57
N TYR A 355 1.89 -18.65 -14.58
CA TYR A 355 1.22 -19.45 -13.55
CA TYR A 355 1.11 -19.53 -13.73
C TYR A 355 1.85 -20.66 -12.88
C TYR A 355 1.52 -20.99 -13.93
N ASP A 356 2.39 -21.58 -13.67
N ASP A 356 1.61 -21.41 -15.18
CA ASP A 356 2.95 -22.83 -13.14
CA ASP A 356 1.97 -22.78 -15.51
C ASP A 356 4.11 -22.59 -12.18
C ASP A 356 3.39 -23.10 -15.06
N LEU A 357 5.13 -21.89 -12.65
N LEU A 357 4.30 -22.14 -15.20
CA LEU A 357 6.31 -21.60 -11.84
CA LEU A 357 5.68 -22.34 -14.78
C LEU A 357 5.97 -20.78 -10.60
C LEU A 357 5.78 -22.54 -13.28
N TRP A 358 5.02 -19.88 -10.76
N TRP A 358 5.06 -21.72 -12.53
CA TRP A 358 4.65 -18.96 -9.70
CA TRP A 358 5.11 -21.81 -11.07
C TRP A 358 3.84 -19.65 -8.61
C TRP A 358 4.54 -23.14 -10.59
N LYS A 359 3.07 -20.67 -8.97
N LYS A 359 3.41 -23.56 -11.14
CA LYS A 359 2.23 -21.37 -8.00
CA LYS A 359 2.78 -24.80 -10.73
C LYS A 359 3.06 -22.33 -7.15
C LYS A 359 3.59 -26.02 -11.14
N ARG A 360 4.24 -22.69 -7.65
N ARG A 360 4.31 -25.91 -12.25
CA ARG A 360 5.17 -23.52 -6.89
CA ARG A 360 5.16 -27.00 -12.72
C ARG A 360 5.73 -22.74 -5.70
C ARG A 360 6.37 -27.19 -11.81
N GLY A 361 5.97 -21.45 -5.91
N GLY A 361 6.90 -26.07 -11.30
CA GLY A 361 6.39 -20.58 -4.82
CA GLY A 361 8.05 -26.13 -10.41
C GLY A 361 5.30 -20.46 -3.79
C GLY A 361 7.67 -26.54 -9.01
N GLN A 362 4.06 -20.50 -4.27
CA GLN A 362 2.89 -20.51 -3.40
C GLN A 362 2.81 -21.82 -2.63
N ASP A 363 3.15 -22.92 -3.30
CA ASP A 363 3.09 -24.24 -2.68
C ASP A 363 4.48 -24.75 -2.31
#